data_2HF9
#
_entry.id   2HF9
#
_cell.length_a   43.463
_cell.length_b   68.107
_cell.length_c   155.840
_cell.angle_alpha   90.000
_cell.angle_beta   90.000
_cell.angle_gamma   90.000
#
_symmetry.space_group_name_H-M   'P 21 21 21'
#
loop_
_entity.id
_entity.type
_entity.pdbx_description
1 polymer 'Probable hydrogenase nickel incorporation protein hypB'
2 non-polymer 'MAGNESIUM ION'
3 non-polymer 'ZINC ION'
4 non-polymer "5'-GUANOSINE-DIPHOSPHATE-MONOTHIOPHOSPHATE"
5 water water
#
_entity_poly.entity_id   1
_entity_poly.type   'polypeptide(L)'
_entity_poly.pdbx_seq_one_letter_code
;GAMGGMHLVGVLDIAKDILKANKRLADKNRKLLNKHGVVAFDFMGAIGSGKTLLIEKLIDNLKDKYKIACIAGDVIAKFD
AERMEKHGAKVVPLNTGKECHLDAHLVGHALEDLNLDEIDLLFIENVGNLICPADFDLGTHKRIVVISTTEGDDTIEKHP
GIMKTADLIVINKIDLADAVGADIKKMENDAKRINPDAEVVLLSLKTMEGFDKVLEFIEKSVKEVK
;
_entity_poly.pdbx_strand_id   A,B
#
loop_
_chem_comp.id
_chem_comp.type
_chem_comp.name
_chem_comp.formula
GSP non-polymer 5'-GUANOSINE-DIPHOSPHATE-MONOTHIOPHOSPHATE 'C10 H16 N5 O13 P3 S'
MG non-polymer 'MAGNESIUM ION' 'Mg 2'
ZN non-polymer 'ZINC ION' 'Zn 2'
#
# COMPACT_ATOMS: atom_id res chain seq x y z
N LYS A 16 25.18 -4.38 2.16
CA LYS A 16 24.32 -5.49 2.70
C LYS A 16 24.30 -6.69 1.75
N ASP A 17 24.46 -7.88 2.32
CA ASP A 17 24.47 -9.13 1.54
C ASP A 17 23.12 -9.84 1.55
N ILE A 18 22.10 -9.10 1.98
CA ILE A 18 20.73 -9.64 2.16
C ILE A 18 20.18 -10.32 0.89
N LEU A 19 20.34 -9.64 -0.26
CA LEU A 19 19.75 -10.11 -1.52
C LEU A 19 20.47 -11.31 -2.13
N LYS A 20 21.76 -11.45 -1.86
CA LYS A 20 22.55 -12.56 -2.36
C LYS A 20 22.20 -13.85 -1.63
N ALA A 21 22.01 -13.72 -0.31
CA ALA A 21 21.57 -14.84 0.51
C ALA A 21 20.13 -15.26 0.20
N ASN A 22 19.27 -14.27 -0.03
CA ASN A 22 17.89 -14.52 -0.42
C ASN A 22 17.78 -15.29 -1.74
N LYS A 23 18.58 -14.87 -2.73
CA LYS A 23 18.58 -15.50 -4.05
C LYS A 23 18.98 -16.98 -3.98
N ARG A 24 19.99 -17.29 -3.17
CA ARG A 24 20.39 -18.68 -2.91
C ARG A 24 19.22 -19.50 -2.38
N LEU A 25 18.49 -18.94 -1.42
CA LEU A 25 17.37 -19.63 -0.79
C LEU A 25 16.18 -19.75 -1.74
N ALA A 26 15.99 -18.73 -2.57
CA ALA A 26 14.95 -18.73 -3.60
C ALA A 26 15.17 -19.85 -4.62
N ASP A 27 16.42 -20.01 -5.06
CA ASP A 27 16.77 -21.07 -6.01
C ASP A 27 16.56 -22.45 -5.41
N LYS A 28 16.88 -22.58 -4.13
CA LYS A 28 16.65 -23.82 -3.38
C LYS A 28 15.17 -24.14 -3.23
N ASN A 29 14.37 -23.10 -2.97
CA ASN A 29 12.91 -23.22 -2.93
C ASN A 29 12.35 -23.71 -4.27
N ARG A 30 12.80 -23.09 -5.37
CA ARG A 30 12.36 -23.48 -6.71
C ARG A 30 12.71 -24.92 -7.05
N LYS A 31 13.93 -25.32 -6.70
CA LYS A 31 14.38 -26.70 -6.88
C LYS A 31 13.52 -27.68 -6.10
N LEU A 32 13.22 -27.35 -4.84
CA LEU A 32 12.37 -28.19 -4.00
C LEU A 32 10.97 -28.33 -4.60
N LEU A 33 10.41 -27.20 -5.06
CA LEU A 33 9.10 -27.20 -5.70
C LEU A 33 9.08 -28.02 -6.99
N ASN A 34 10.10 -27.83 -7.84
CA ASN A 34 10.23 -28.59 -9.09
C ASN A 34 10.36 -30.09 -8.87
N LYS A 35 11.06 -30.46 -7.81
CA LYS A 35 11.27 -31.83 -7.39
C LYS A 35 9.93 -32.52 -7.09
N HIS A 36 9.01 -31.75 -6.54
CA HIS A 36 7.68 -32.26 -6.16
C HIS A 36 6.57 -31.84 -7.13
N GLY A 37 6.96 -31.25 -8.26
CA GLY A 37 6.02 -30.89 -9.33
C GLY A 37 5.02 -29.83 -8.90
N VAL A 38 5.50 -28.84 -8.16
CA VAL A 38 4.66 -27.74 -7.68
C VAL A 38 4.99 -26.49 -8.47
N VAL A 39 3.97 -25.80 -8.96
CA VAL A 39 4.17 -24.52 -9.61
C VAL A 39 3.69 -23.43 -8.66
N ALA A 40 4.60 -22.51 -8.33
CA ALA A 40 4.35 -21.48 -7.31
C ALA A 40 4.21 -20.08 -7.88
N PHE A 41 3.28 -19.32 -7.30
CA PHE A 41 2.97 -17.96 -7.74
C PHE A 41 3.04 -16.97 -6.58
N ASP A 42 3.78 -15.88 -6.80
CA ASP A 42 3.91 -14.80 -5.83
C ASP A 42 2.91 -13.69 -6.17
N PHE A 43 1.90 -13.51 -5.31
CA PHE A 43 0.89 -12.48 -5.48
C PHE A 43 1.26 -11.24 -4.68
N MET A 44 1.70 -10.21 -5.37
CA MET A 44 2.06 -8.92 -4.79
C MET A 44 1.00 -7.88 -5.14
N GLY A 45 1.00 -6.76 -4.43
CA GLY A 45 0.13 -5.65 -4.76
C GLY A 45 0.06 -4.58 -3.69
N ALA A 46 -0.74 -3.56 -3.96
CA ALA A 46 -0.98 -2.49 -2.99
C ALA A 46 -1.94 -2.98 -1.91
N ILE A 47 -2.24 -2.14 -0.92
CA ILE A 47 -3.18 -2.53 0.13
C ILE A 47 -4.59 -2.62 -0.46
N GLY A 48 -5.20 -3.79 -0.32
CA GLY A 48 -6.58 -4.02 -0.72
C GLY A 48 -6.84 -4.07 -2.23
N SER A 49 -5.78 -4.33 -3.00
CA SER A 49 -5.91 -4.38 -4.47
C SER A 49 -6.82 -5.51 -4.95
N GLY A 50 -6.89 -6.60 -4.18
CA GLY A 50 -7.74 -7.73 -4.51
C GLY A 50 -7.03 -9.08 -4.56
N LYS A 51 -5.86 -9.18 -3.93
CA LYS A 51 -5.05 -10.40 -3.95
C LYS A 51 -5.80 -11.61 -3.41
N THR A 52 -6.42 -11.45 -2.23
CA THR A 52 -7.11 -12.56 -1.60
C THR A 52 -8.34 -13.00 -2.40
N LEU A 53 -9.14 -12.03 -2.83
CA LEU A 53 -10.32 -12.32 -3.66
C LEU A 53 -9.92 -13.05 -4.95
N LEU A 54 -8.82 -12.62 -5.57
CA LEU A 54 -8.29 -13.29 -6.76
C LEU A 54 -7.88 -14.73 -6.45
N ILE A 55 -7.15 -14.92 -5.36
CA ILE A 55 -6.70 -16.24 -4.94
C ILE A 55 -7.91 -17.15 -4.65
N GLU A 56 -8.90 -16.60 -3.95
CA GLU A 56 -10.15 -17.31 -3.67
C GLU A 56 -10.83 -17.79 -4.94
N LYS A 57 -10.98 -16.89 -5.91
CA LYS A 57 -11.58 -17.23 -7.20
C LYS A 57 -10.76 -18.27 -7.96
N LEU A 58 -9.44 -18.13 -7.92
CA LEU A 58 -8.55 -19.11 -8.55
C LEU A 58 -8.67 -20.51 -7.93
N ILE A 59 -8.68 -20.57 -6.60
CA ILE A 59 -8.92 -21.85 -5.89
C ILE A 59 -10.22 -22.51 -6.36
N ASP A 60 -11.33 -21.76 -6.27
CA ASP A 60 -12.65 -22.27 -6.66
C ASP A 60 -12.66 -22.86 -8.08
N ASN A 61 -11.95 -22.22 -8.99
CA ASN A 61 -12.05 -22.56 -10.40
C ASN A 61 -10.97 -23.52 -10.89
N LEU A 62 -9.98 -23.81 -10.06
CA LEU A 62 -8.88 -24.70 -10.43
C LEU A 62 -8.78 -25.96 -9.57
N LYS A 63 -9.53 -26.00 -8.47
CA LYS A 63 -9.40 -27.10 -7.50
C LYS A 63 -9.86 -28.46 -8.04
N ASP A 64 -10.64 -28.45 -9.12
CA ASP A 64 -11.08 -29.68 -9.78
C ASP A 64 -9.96 -30.34 -10.57
N LYS A 65 -8.97 -29.52 -10.96
CA LYS A 65 -7.88 -29.93 -11.81
C LYS A 65 -6.57 -30.04 -11.03
N TYR A 66 -6.42 -29.19 -10.01
CA TYR A 66 -5.19 -29.12 -9.24
C TYR A 66 -5.43 -29.16 -7.74
N LYS A 67 -4.48 -29.76 -7.02
CA LYS A 67 -4.45 -29.68 -5.56
C LYS A 67 -3.68 -28.41 -5.21
N ILE A 68 -4.33 -27.54 -4.45
CA ILE A 68 -3.82 -26.18 -4.24
C ILE A 68 -3.48 -25.91 -2.77
N ALA A 69 -2.31 -25.33 -2.55
CA ALA A 69 -1.91 -24.84 -1.24
C ALA A 69 -1.67 -23.35 -1.31
N CYS A 70 -1.81 -22.68 -0.16
CA CYS A 70 -1.51 -21.26 -0.04
C CYS A 70 -0.57 -20.95 1.11
N ILE A 71 0.20 -19.88 0.94
CA ILE A 71 0.93 -19.23 2.00
C ILE A 71 0.39 -17.81 2.08
N ALA A 72 -0.15 -17.43 3.23
CA ALA A 72 -0.73 -16.11 3.43
C ALA A 72 0.10 -15.34 4.44
N GLY A 73 0.82 -14.34 3.95
CA GLY A 73 1.64 -13.50 4.81
C GLY A 73 1.05 -12.11 5.01
N ASP A 74 0.90 -11.71 6.26
CA ASP A 74 0.51 -10.34 6.61
C ASP A 74 0.79 -10.12 8.09
N VAL A 75 0.65 -8.88 8.56
CA VAL A 75 0.83 -8.53 9.98
C VAL A 75 -0.01 -9.46 10.86
N ILE A 76 -1.30 -9.54 10.55
CA ILE A 76 -2.19 -10.52 11.15
C ILE A 76 -2.67 -11.44 10.04
N ALA A 77 -1.99 -12.58 9.91
CA ALA A 77 -2.17 -13.49 8.78
C ALA A 77 -3.52 -14.23 8.77
N LYS A 78 -4.17 -14.31 9.93
CA LYS A 78 -5.40 -15.10 10.06
C LYS A 78 -6.54 -14.65 9.15
N PHE A 79 -6.69 -13.35 8.94
CA PHE A 79 -7.80 -12.82 8.12
C PHE A 79 -7.85 -13.47 6.74
N ASP A 80 -6.72 -13.48 6.05
CA ASP A 80 -6.67 -14.05 4.71
C ASP A 80 -6.49 -15.56 4.70
N ALA A 81 -5.78 -16.08 5.70
CA ALA A 81 -5.65 -17.54 5.85
C ALA A 81 -7.03 -18.18 5.99
N GLU A 82 -7.86 -17.63 6.88
CA GLU A 82 -9.22 -18.13 7.11
C GLU A 82 -10.08 -18.08 5.85
N ARG A 83 -9.94 -17.00 5.07
CA ARG A 83 -10.63 -16.87 3.79
C ARG A 83 -10.24 -17.96 2.80
N MET A 84 -8.93 -18.21 2.67
CA MET A 84 -8.45 -19.25 1.75
C MET A 84 -8.82 -20.65 2.20
N GLU A 85 -8.86 -20.86 3.51
CA GLU A 85 -9.21 -22.15 4.11
C GLU A 85 -10.63 -22.62 3.77
N LYS A 86 -11.60 -21.70 3.80
CA LYS A 86 -12.99 -22.06 3.51
C LYS A 86 -13.22 -22.43 2.04
N HIS A 87 -12.25 -22.11 1.18
CA HIS A 87 -12.32 -22.46 -0.24
C HIS A 87 -11.67 -23.81 -0.55
N GLY A 88 -11.16 -24.49 0.46
CA GLY A 88 -10.64 -25.84 0.32
C GLY A 88 -9.16 -25.96 -0.01
N ALA A 89 -8.39 -24.93 0.35
CA ALA A 89 -6.94 -24.99 0.19
C ALA A 89 -6.27 -25.24 1.53
N LYS A 90 -5.12 -25.90 1.50
CA LYS A 90 -4.26 -25.99 2.67
C LYS A 90 -3.49 -24.67 2.77
N VAL A 91 -3.50 -24.07 3.95
CA VAL A 91 -2.92 -22.75 4.13
C VAL A 91 -1.88 -22.73 5.24
N VAL A 92 -0.71 -22.15 4.94
CA VAL A 92 0.27 -21.84 5.96
C VAL A 92 0.25 -20.32 6.17
N PRO A 93 -0.18 -19.88 7.37
CA PRO A 93 -0.15 -18.46 7.64
C PRO A 93 1.22 -18.01 8.10
N LEU A 94 1.60 -16.79 7.73
CA LEU A 94 2.85 -16.20 8.18
C LEU A 94 2.60 -14.80 8.72
N ASN A 95 2.70 -14.65 10.04
CA ASN A 95 2.61 -13.34 10.66
C ASN A 95 3.94 -12.62 10.44
N THR A 96 3.89 -11.56 9.64
CA THR A 96 5.09 -10.96 9.08
C THR A 96 5.67 -9.81 9.89
N GLY A 97 5.04 -9.49 11.02
CA GLY A 97 5.50 -8.40 11.90
C GLY A 97 5.63 -7.09 11.18
N LYS A 98 6.78 -6.44 11.34
CA LYS A 98 7.02 -5.12 10.75
C LYS A 98 7.71 -5.20 9.38
N GLU A 99 7.96 -6.42 8.92
CA GLU A 99 8.58 -6.64 7.61
C GLU A 99 7.62 -6.25 6.47
N CYS A 100 8.13 -5.50 5.51
CA CYS A 100 7.32 -4.99 4.40
C CYS A 100 7.37 -5.90 3.18
N HIS A 101 7.76 -7.16 3.39
CA HIS A 101 7.86 -8.17 2.35
C HIS A 101 8.04 -9.55 2.97
N LEU A 102 7.62 -10.59 2.25
CA LEU A 102 8.05 -11.94 2.57
C LEU A 102 9.44 -12.14 1.96
N ASP A 103 10.18 -13.13 2.44
CA ASP A 103 11.46 -13.50 1.83
C ASP A 103 11.54 -15.02 1.60
N ALA A 104 12.56 -15.46 0.85
CA ALA A 104 12.71 -16.89 0.54
C ALA A 104 12.92 -17.75 1.78
N HIS A 105 13.58 -17.20 2.79
CA HIS A 105 13.85 -17.90 4.04
C HIS A 105 12.57 -18.32 4.75
N LEU A 106 11.69 -17.36 5.00
CA LEU A 106 10.42 -17.63 5.67
C LEU A 106 9.54 -18.56 4.82
N VAL A 107 9.51 -18.31 3.51
CA VAL A 107 8.79 -19.16 2.56
C VAL A 107 9.33 -20.60 2.56
N GLY A 108 10.66 -20.73 2.58
CA GLY A 108 11.31 -22.05 2.68
C GLY A 108 10.80 -22.88 3.84
N HIS A 109 10.71 -22.25 5.01
CA HIS A 109 10.21 -22.92 6.22
C HIS A 109 8.71 -23.19 6.16
N ALA A 110 7.97 -22.30 5.51
CA ALA A 110 6.54 -22.52 5.28
C ALA A 110 6.34 -23.81 4.47
N LEU A 111 7.22 -24.03 3.49
CA LEU A 111 7.19 -25.23 2.64
C LEU A 111 7.31 -26.53 3.42
N GLU A 112 7.99 -26.47 4.57
CA GLU A 112 8.15 -27.63 5.45
C GLU A 112 6.82 -28.07 6.08
N ASP A 113 5.86 -27.15 6.17
CA ASP A 113 4.54 -27.44 6.72
C ASP A 113 3.53 -27.94 5.66
N LEU A 114 4.00 -28.11 4.43
CA LEU A 114 3.16 -28.59 3.33
C LEU A 114 3.60 -29.97 2.85
N ASN A 115 2.63 -30.81 2.49
CA ASN A 115 2.94 -32.07 1.81
C ASN A 115 2.98 -31.81 0.30
N LEU A 116 4.19 -31.57 -0.21
CA LEU A 116 4.39 -31.16 -1.59
C LEU A 116 4.08 -32.24 -2.63
N ASP A 117 3.99 -33.49 -2.19
CA ASP A 117 3.57 -34.59 -3.06
C ASP A 117 2.04 -34.70 -3.16
N GLU A 118 1.34 -33.84 -2.43
CA GLU A 118 -0.10 -33.75 -2.53
C GLU A 118 -0.54 -32.33 -2.92
N ILE A 119 0.37 -31.58 -3.52
CA ILE A 119 0.12 -30.22 -3.98
C ILE A 119 0.60 -30.06 -5.43
N ASP A 120 -0.19 -29.38 -6.26
CA ASP A 120 0.19 -29.08 -7.63
C ASP A 120 0.49 -27.59 -7.82
N LEU A 121 -0.30 -26.74 -7.17
CA LEU A 121 -0.17 -25.29 -7.27
C LEU A 121 0.01 -24.66 -5.89
N LEU A 122 0.93 -23.70 -5.82
CA LEU A 122 1.13 -22.92 -4.60
C LEU A 122 0.89 -21.43 -4.87
N PHE A 123 -0.07 -20.87 -4.14
CA PHE A 123 -0.36 -19.43 -4.22
C PHE A 123 0.17 -18.76 -2.96
N ILE A 124 1.11 -17.84 -3.12
CA ILE A 124 1.63 -17.09 -1.99
C ILE A 124 1.12 -15.66 -2.03
N GLU A 125 0.38 -15.26 -1.00
CA GLU A 125 0.00 -13.85 -0.89
C GLU A 125 1.03 -13.08 -0.09
N ASN A 126 1.77 -12.24 -0.80
CA ASN A 126 2.79 -11.40 -0.20
C ASN A 126 2.15 -10.29 0.61
N VAL A 127 2.95 -9.56 1.37
CA VAL A 127 2.41 -8.42 2.12
C VAL A 127 2.04 -7.29 1.13
N GLY A 128 1.00 -6.52 1.46
CA GLY A 128 0.54 -5.42 0.61
C GLY A 128 1.48 -4.23 0.66
N ASN A 129 2.27 -4.08 -0.40
CA ASN A 129 3.34 -3.08 -0.48
C ASN A 129 3.89 -3.12 -1.89
N LEU A 130 4.03 -1.95 -2.52
CA LEU A 130 4.55 -1.86 -3.88
C LEU A 130 6.04 -1.52 -3.97
N ILE A 131 6.71 -1.48 -2.82
CA ILE A 131 8.13 -1.12 -2.78
C ILE A 131 9.05 -2.32 -2.47
N CYS A 132 8.99 -2.82 -1.23
CA CYS A 132 9.95 -3.82 -0.73
C CYS A 132 9.94 -5.19 -1.44
N PRO A 133 8.74 -5.75 -1.72
CA PRO A 133 8.72 -7.08 -2.35
C PRO A 133 9.41 -7.18 -3.71
N ALA A 134 9.65 -6.04 -4.36
CA ALA A 134 10.30 -6.01 -5.67
C ALA A 134 11.65 -6.70 -5.67
N ASP A 135 12.43 -6.49 -4.61
CA ASP A 135 13.80 -7.01 -4.52
C ASP A 135 13.91 -8.41 -3.92
N PHE A 136 12.79 -8.97 -3.45
CA PHE A 136 12.83 -10.26 -2.75
C PHE A 136 12.12 -11.40 -3.46
N ASP A 137 12.89 -12.13 -4.26
CA ASP A 137 12.48 -13.37 -4.90
C ASP A 137 12.16 -14.40 -3.81
N LEU A 138 10.96 -14.98 -3.88
CA LEU A 138 10.50 -15.95 -2.89
C LEU A 138 10.86 -17.39 -3.25
N GLY A 139 11.32 -17.59 -4.47
CA GLY A 139 11.56 -18.93 -5.01
C GLY A 139 10.34 -19.45 -5.76
N THR A 140 9.56 -18.52 -6.31
CA THR A 140 8.37 -18.86 -7.09
C THR A 140 8.71 -18.94 -8.57
N HIS A 141 7.82 -19.56 -9.34
CA HIS A 141 7.96 -19.62 -10.79
C HIS A 141 7.52 -18.33 -11.47
N LYS A 142 6.44 -17.74 -10.98
CA LYS A 142 5.92 -16.50 -11.54
C LYS A 142 5.54 -15.48 -10.47
N ARG A 143 5.63 -14.21 -10.86
CA ARG A 143 5.26 -13.11 -10.00
C ARG A 143 4.06 -12.37 -10.60
N ILE A 144 3.06 -12.13 -9.77
CA ILE A 144 1.85 -11.44 -10.18
C ILE A 144 1.71 -10.18 -9.36
N VAL A 145 1.59 -9.03 -10.03
CA VAL A 145 1.35 -7.78 -9.32
C VAL A 145 -0.09 -7.34 -9.56
N VAL A 146 -0.85 -7.23 -8.47
CA VAL A 146 -2.23 -6.79 -8.53
C VAL A 146 -2.31 -5.34 -8.03
N ILE A 147 -2.73 -4.45 -8.92
CA ILE A 147 -3.12 -3.11 -8.50
C ILE A 147 -4.55 -2.90 -8.90
N SER A 148 -5.17 -1.82 -8.43
CA SER A 148 -6.56 -1.60 -8.75
C SER A 148 -6.84 -0.16 -9.11
N THR A 149 -7.93 0.05 -9.87
CA THR A 149 -8.29 1.38 -10.36
C THR A 149 -8.47 2.40 -9.22
N THR A 150 -8.89 1.91 -8.05
CA THR A 150 -9.21 2.78 -6.92
C THR A 150 -8.00 3.41 -6.22
N GLU A 151 -6.82 2.96 -6.60
CA GLU A 151 -5.56 3.55 -6.12
C GLU A 151 -5.15 4.76 -6.98
N GLY A 152 -5.85 4.94 -8.10
CA GLY A 152 -5.53 6.01 -9.05
C GLY A 152 -4.82 5.47 -10.27
N ASP A 153 -4.96 6.16 -11.39
CA ASP A 153 -4.39 5.68 -12.66
C ASP A 153 -2.92 6.06 -12.89
N ASP A 154 -2.27 6.65 -11.87
CA ASP A 154 -0.83 6.92 -11.92
C ASP A 154 -0.01 5.86 -11.19
N THR A 155 -0.72 4.92 -10.56
CA THR A 155 -0.12 3.90 -9.70
C THR A 155 0.96 3.05 -10.36
N ILE A 156 0.73 2.69 -11.64
CA ILE A 156 1.72 1.89 -12.37
C ILE A 156 2.98 2.72 -12.70
N GLU A 157 2.80 3.94 -13.22
CA GLU A 157 3.98 4.75 -13.56
C GLU A 157 4.71 5.32 -12.34
N LYS A 158 4.02 5.36 -11.19
CA LYS A 158 4.62 5.78 -9.92
C LYS A 158 5.46 4.71 -9.25
N HIS A 159 5.33 3.46 -9.69
CA HIS A 159 6.07 2.35 -9.09
C HIS A 159 6.64 1.39 -10.16
N PRO A 160 7.51 1.92 -11.05
CA PRO A 160 7.99 1.08 -12.17
C PRO A 160 8.89 -0.08 -11.73
N GLY A 161 9.57 0.08 -10.58
CA GLY A 161 10.45 -0.95 -10.03
C GLY A 161 9.81 -2.31 -9.84
N ILE A 162 8.71 -2.34 -9.09
CA ILE A 162 7.99 -3.61 -8.84
C ILE A 162 7.33 -4.13 -10.12
N MET A 163 6.84 -3.20 -10.95
CA MET A 163 6.16 -3.55 -12.21
C MET A 163 7.08 -4.32 -13.13
N LYS A 164 8.36 -3.96 -13.14
CA LYS A 164 9.36 -4.64 -13.96
C LYS A 164 9.66 -6.06 -13.50
N THR A 165 9.27 -6.39 -12.25
CA THR A 165 9.51 -7.72 -11.71
C THR A 165 8.32 -8.66 -11.95
N ALA A 166 7.24 -8.12 -12.49
CA ALA A 166 6.01 -8.87 -12.71
C ALA A 166 6.01 -9.66 -14.01
N ASP A 167 5.48 -10.87 -13.94
CA ASP A 167 5.21 -11.69 -15.13
C ASP A 167 3.77 -11.45 -15.59
N LEU A 168 2.91 -11.13 -14.63
CA LEU A 168 1.54 -10.74 -14.89
C LEU A 168 1.21 -9.49 -14.10
N ILE A 169 0.65 -8.49 -14.78
CA ILE A 169 0.15 -7.30 -14.15
C ILE A 169 -1.38 -7.28 -14.27
N VAL A 170 -2.04 -7.30 -13.11
CA VAL A 170 -3.50 -7.29 -13.04
C VAL A 170 -3.97 -5.90 -12.61
N ILE A 171 -4.75 -5.27 -13.48
CA ILE A 171 -5.41 -4.02 -13.17
C ILE A 171 -6.84 -4.38 -12.78
N ASN A 172 -7.05 -4.46 -11.47
CA ASN A 172 -8.29 -4.96 -10.90
C ASN A 172 -9.28 -3.81 -10.62
N LYS A 173 -10.51 -4.18 -10.27
CA LYS A 173 -11.60 -3.24 -9.95
C LYS A 173 -11.95 -2.32 -11.12
N ILE A 174 -11.93 -2.86 -12.34
CA ILE A 174 -12.25 -2.05 -13.52
C ILE A 174 -13.70 -1.54 -13.49
N ASP A 175 -14.53 -2.22 -12.71
CA ASP A 175 -15.92 -1.80 -12.51
C ASP A 175 -16.05 -0.48 -11.74
N LEU A 176 -14.96 -0.04 -11.10
CA LEU A 176 -14.97 1.18 -10.29
C LEU A 176 -14.19 2.35 -10.89
N ALA A 177 -13.69 2.17 -12.11
CA ALA A 177 -12.77 3.13 -12.73
C ALA A 177 -13.38 4.51 -12.94
N ASP A 178 -14.62 4.54 -13.44
CA ASP A 178 -15.33 5.80 -13.67
C ASP A 178 -15.61 6.55 -12.37
N ALA A 179 -15.86 5.80 -11.29
CA ALA A 179 -16.19 6.39 -10.00
C ALA A 179 -14.99 7.07 -9.31
N VAL A 180 -13.77 6.64 -9.65
CA VAL A 180 -12.54 7.27 -9.17
C VAL A 180 -11.89 8.18 -10.21
N GLY A 181 -12.42 8.14 -11.43
CA GLY A 181 -11.86 8.94 -12.54
C GLY A 181 -10.60 8.35 -13.11
N ALA A 182 -10.43 7.03 -12.97
CA ALA A 182 -9.25 6.32 -13.47
C ALA A 182 -9.41 5.92 -14.93
N ASP A 183 -8.36 6.15 -15.71
CA ASP A 183 -8.33 5.80 -17.14
C ASP A 183 -7.67 4.44 -17.28
N ILE A 184 -8.48 3.40 -17.47
CA ILE A 184 -7.96 2.02 -17.51
C ILE A 184 -7.10 1.75 -18.74
N LYS A 185 -7.43 2.40 -19.85
CA LYS A 185 -6.64 2.30 -21.08
C LYS A 185 -5.24 2.89 -20.89
N LYS A 186 -5.16 4.01 -20.17
CA LYS A 186 -3.88 4.59 -19.76
C LYS A 186 -3.07 3.62 -18.90
N MET A 187 -3.73 3.04 -17.89
CA MET A 187 -3.05 2.12 -16.97
C MET A 187 -2.51 0.90 -17.72
N GLU A 188 -3.33 0.36 -18.63
CA GLU A 188 -2.95 -0.80 -19.42
C GLU A 188 -1.73 -0.51 -20.29
N ASN A 189 -1.71 0.68 -20.90
CA ASN A 189 -0.55 1.14 -21.67
C ASN A 189 0.68 1.40 -20.81
N ASP A 190 0.48 1.98 -19.63
CA ASP A 190 1.55 2.17 -18.65
C ASP A 190 2.25 0.85 -18.35
N ALA A 191 1.46 -0.19 -18.05
CA ALA A 191 1.97 -1.51 -17.70
C ALA A 191 2.73 -2.16 -18.84
N LYS A 192 2.16 -2.11 -20.03
CA LYS A 192 2.80 -2.69 -21.23
C LYS A 192 4.12 -2.00 -21.57
N ARG A 193 4.17 -0.68 -21.41
CA ARG A 193 5.34 0.13 -21.75
C ARG A 193 6.46 -0.08 -20.74
N ILE A 194 6.11 -0.12 -19.46
CA ILE A 194 7.09 -0.27 -18.39
C ILE A 194 7.64 -1.70 -18.33
N ASN A 195 6.78 -2.68 -18.59
CA ASN A 195 7.19 -4.08 -18.67
C ASN A 195 6.63 -4.77 -19.92
N PRO A 196 7.32 -4.59 -21.07
CA PRO A 196 6.91 -5.17 -22.36
C PRO A 196 6.80 -6.69 -22.37
N ASP A 197 7.48 -7.36 -21.43
CA ASP A 197 7.48 -8.82 -21.37
C ASP A 197 6.33 -9.41 -20.56
N ALA A 198 5.69 -8.58 -19.74
CA ALA A 198 4.61 -9.04 -18.86
C ALA A 198 3.28 -9.23 -19.58
N GLU A 199 2.44 -10.12 -19.07
CA GLU A 199 1.05 -10.18 -19.47
C GLU A 199 0.32 -9.10 -18.68
N VAL A 200 -0.60 -8.40 -19.34
CA VAL A 200 -1.38 -7.35 -18.69
C VAL A 200 -2.87 -7.66 -18.84
N VAL A 201 -3.56 -7.79 -17.72
CA VAL A 201 -4.97 -8.17 -17.71
C VAL A 201 -5.83 -7.11 -17.00
N LEU A 202 -6.89 -6.67 -17.68
CA LEU A 202 -7.89 -5.82 -17.06
C LEU A 202 -8.94 -6.72 -16.42
N LEU A 203 -9.18 -6.50 -15.13
CA LEU A 203 -9.99 -7.42 -14.35
C LEU A 203 -11.02 -6.73 -13.46
N SER A 204 -12.19 -7.36 -13.36
CA SER A 204 -13.10 -7.08 -12.27
C SER A 204 -13.45 -8.39 -11.60
N LEU A 205 -13.12 -8.51 -10.32
CA LEU A 205 -13.51 -9.69 -9.54
C LEU A 205 -14.97 -9.62 -9.07
N LYS A 206 -15.63 -8.51 -9.37
CA LYS A 206 -17.07 -8.35 -9.11
C LYS A 206 -17.89 -8.89 -10.29
N THR A 207 -17.60 -8.41 -11.49
CA THR A 207 -18.30 -8.87 -12.71
C THR A 207 -17.65 -10.12 -13.28
N MET A 208 -16.42 -10.37 -12.87
CA MET A 208 -15.57 -11.49 -13.36
C MET A 208 -15.01 -11.31 -14.77
N GLU A 209 -15.23 -10.15 -15.37
CA GLU A 209 -14.65 -9.84 -16.68
C GLU A 209 -13.12 -9.82 -16.57
N GLY A 210 -12.47 -10.56 -17.48
CA GLY A 210 -11.02 -10.66 -17.50
C GLY A 210 -10.46 -11.85 -16.74
N PHE A 211 -11.31 -12.52 -15.96
CA PHE A 211 -10.86 -13.66 -15.16
C PHE A 211 -10.30 -14.79 -16.04
N ASP A 212 -10.94 -15.00 -17.20
CA ASP A 212 -10.49 -15.99 -18.19
C ASP A 212 -9.01 -15.81 -18.53
N LYS A 213 -8.57 -14.56 -18.65
CA LYS A 213 -7.18 -14.23 -18.97
C LYS A 213 -6.21 -14.53 -17.82
N VAL A 214 -6.68 -14.41 -16.57
CA VAL A 214 -5.85 -14.77 -15.41
C VAL A 214 -5.68 -16.29 -15.38
N LEU A 215 -6.79 -17.02 -15.53
CA LEU A 215 -6.73 -18.49 -15.61
C LEU A 215 -5.80 -18.94 -16.72
N GLU A 216 -5.88 -18.27 -17.86
CA GLU A 216 -5.01 -18.54 -19.01
C GLU A 216 -3.53 -18.42 -18.61
N PHE A 217 -3.19 -17.34 -17.91
CA PHE A 217 -1.83 -17.12 -17.43
C PHE A 217 -1.36 -18.23 -16.50
N ILE A 218 -2.22 -18.62 -15.56
CA ILE A 218 -1.88 -19.69 -14.61
C ILE A 218 -1.56 -20.99 -15.36
N GLU A 219 -2.44 -21.38 -16.27
CA GLU A 219 -2.29 -22.63 -17.02
C GLU A 219 -1.06 -22.64 -17.93
N LYS A 220 -0.86 -21.53 -18.65
CA LYS A 220 0.33 -21.35 -19.50
C LYS A 220 1.62 -21.47 -18.68
N SER A 221 1.63 -20.85 -17.51
CA SER A 221 2.78 -20.89 -16.60
C SER A 221 3.10 -22.32 -16.15
N VAL A 222 2.06 -23.08 -15.81
CA VAL A 222 2.22 -24.48 -15.41
C VAL A 222 2.85 -25.29 -16.55
N LYS A 223 2.32 -25.12 -17.76
CA LYS A 223 2.83 -25.88 -18.91
C LYS A 223 4.26 -25.53 -19.30
N GLU A 224 4.69 -24.29 -19.04
CA GLU A 224 6.01 -23.81 -19.48
C GLU A 224 7.19 -24.10 -18.53
N VAL A 225 6.91 -24.55 -17.31
CA VAL A 225 7.97 -24.75 -16.29
C VAL A 225 9.14 -25.61 -16.79
N LYS A 226 10.35 -25.07 -16.62
CA LYS A 226 11.61 -25.70 -17.03
C LYS A 226 11.67 -26.05 -18.51
N ASP B 17 21.89 2.36 16.54
CA ASP B 17 20.41 2.20 16.40
C ASP B 17 19.82 3.25 15.47
N ILE B 18 18.93 2.81 14.58
CA ILE B 18 18.33 3.71 13.59
C ILE B 18 17.14 4.49 14.14
N LEU B 19 16.38 3.86 15.04
CA LEU B 19 15.20 4.48 15.65
C LEU B 19 15.57 5.57 16.65
N LYS B 20 16.64 5.35 17.40
CA LYS B 20 17.17 6.35 18.33
C LYS B 20 17.64 7.59 17.57
N ALA B 21 18.35 7.36 16.47
CA ALA B 21 18.87 8.43 15.62
C ALA B 21 17.76 9.25 14.96
N ASN B 22 16.66 8.59 14.61
CA ASN B 22 15.52 9.28 14.01
C ASN B 22 14.83 10.22 14.99
N LYS B 23 14.55 9.72 16.20
CA LYS B 23 13.90 10.50 17.25
C LYS B 23 14.67 11.78 17.56
N ARG B 24 16.00 11.65 17.63
CA ARG B 24 16.92 12.77 17.78
C ARG B 24 16.67 13.84 16.71
N LEU B 25 16.64 13.43 15.45
CA LEU B 25 16.38 14.36 14.35
C LEU B 25 14.93 14.87 14.31
N ALA B 26 13.99 14.05 14.78
CA ALA B 26 12.58 14.44 14.86
C ALA B 26 12.38 15.59 15.83
N ASP B 27 12.95 15.46 17.03
CA ASP B 27 12.90 16.51 18.04
C ASP B 27 13.59 17.78 17.55
N LYS B 28 14.71 17.61 16.85
CA LYS B 28 15.43 18.73 16.24
C LYS B 28 14.54 19.45 15.21
N ASN B 29 13.92 18.69 14.32
CA ASN B 29 12.98 19.22 13.34
C ASN B 29 11.82 19.98 14.00
N ARG B 30 11.22 19.36 15.02
CA ARG B 30 10.10 19.95 15.75
C ARG B 30 10.51 21.25 16.46
N LYS B 31 11.70 21.25 17.03
CA LYS B 31 12.27 22.43 17.68
C LYS B 31 12.43 23.59 16.70
N LEU B 32 12.89 23.27 15.48
CA LEU B 32 13.07 24.27 14.43
C LEU B 32 11.73 24.86 13.94
N LEU B 33 10.74 23.98 13.75
CA LEU B 33 9.41 24.42 13.30
C LEU B 33 8.74 25.31 14.34
N ASN B 34 8.86 24.95 15.62
CA ASN B 34 8.33 25.77 16.72
C ASN B 34 8.98 27.16 16.79
N LYS B 35 10.29 27.21 16.54
CA LYS B 35 11.04 28.46 16.55
C LYS B 35 10.52 29.44 15.49
N HIS B 36 10.10 28.90 14.35
CA HIS B 36 9.61 29.71 13.24
C HIS B 36 8.08 29.77 13.14
N GLY B 37 7.40 29.27 14.17
CA GLY B 37 5.94 29.31 14.26
C GLY B 37 5.20 28.48 13.23
N VAL B 38 5.80 27.35 12.84
CA VAL B 38 5.20 26.46 11.84
C VAL B 38 4.55 25.26 12.52
N VAL B 39 3.33 24.91 12.10
CA VAL B 39 2.66 23.69 12.55
C VAL B 39 2.70 22.67 11.42
N ALA B 40 3.20 21.48 11.72
CA ALA B 40 3.45 20.47 10.69
C ALA B 40 2.60 19.22 10.86
N PHE B 41 2.14 18.69 9.72
CA PHE B 41 1.26 17.52 9.69
C PHE B 41 1.85 16.41 8.81
N ASP B 42 1.83 15.20 9.33
CA ASP B 42 2.32 14.00 8.62
C ASP B 42 1.12 13.22 8.08
N PHE B 43 0.95 13.25 6.76
CA PHE B 43 -0.13 12.53 6.08
C PHE B 43 0.37 11.17 5.61
N MET B 44 -0.08 10.14 6.32
CA MET B 44 0.22 8.77 5.94
C MET B 44 -1.00 8.12 5.33
N GLY B 45 -0.79 6.98 4.70
CA GLY B 45 -1.90 6.22 4.15
C GLY B 45 -1.42 5.00 3.42
N ALA B 46 -2.38 4.24 2.88
CA ALA B 46 -2.08 3.15 1.96
C ALA B 46 -1.72 3.76 0.60
N ILE B 47 -1.73 2.95 -0.44
CA ILE B 47 -1.44 3.44 -1.78
C ILE B 47 -2.76 3.90 -2.40
N GLY B 48 -2.82 5.19 -2.78
CA GLY B 48 -4.00 5.77 -3.42
C GLY B 48 -5.16 6.08 -2.49
N SER B 49 -4.93 6.06 -1.18
CA SER B 49 -5.98 6.33 -0.19
C SER B 49 -6.62 7.71 -0.34
N GLY B 50 -5.85 8.68 -0.83
CA GLY B 50 -6.36 10.03 -1.09
C GLY B 50 -5.59 11.14 -0.40
N LYS B 51 -4.34 10.88 -0.03
CA LYS B 51 -3.50 11.87 0.67
C LYS B 51 -3.35 13.17 -0.11
N THR B 52 -2.99 13.06 -1.38
CA THR B 52 -2.73 14.24 -2.20
C THR B 52 -4.00 15.06 -2.39
N LEU B 53 -5.08 14.38 -2.76
CA LEU B 53 -6.36 15.06 -2.96
C LEU B 53 -6.82 15.77 -1.68
N LEU B 54 -6.59 15.15 -0.52
CA LEU B 54 -6.93 15.78 0.76
C LEU B 54 -6.10 17.04 1.00
N ILE B 55 -4.80 16.93 0.75
CA ILE B 55 -3.89 18.06 0.85
C ILE B 55 -4.27 19.16 -0.14
N GLU B 56 -4.58 18.79 -1.38
CA GLU B 56 -5.04 19.75 -2.38
C GLU B 56 -6.25 20.57 -1.89
N LYS B 57 -7.24 19.88 -1.32
CA LYS B 57 -8.45 20.52 -0.80
C LYS B 57 -8.15 21.41 0.40
N LEU B 58 -7.27 20.91 1.28
CA LEU B 58 -6.86 21.68 2.46
C LEU B 58 -6.15 22.98 2.08
N ILE B 59 -5.29 22.91 1.07
CA ILE B 59 -4.59 24.10 0.55
C ILE B 59 -5.62 25.13 0.06
N ASP B 60 -6.54 24.69 -0.80
CA ASP B 60 -7.59 25.55 -1.34
C ASP B 60 -8.41 26.27 -0.28
N ASN B 61 -8.70 25.57 0.82
CA ASN B 61 -9.51 26.13 1.89
C ASN B 61 -8.75 27.00 2.91
N LEU B 62 -7.46 26.73 3.07
CA LEU B 62 -6.68 27.40 4.12
C LEU B 62 -5.70 28.47 3.65
N LYS B 63 -5.44 28.53 2.34
CA LYS B 63 -4.41 29.42 1.80
C LYS B 63 -4.69 30.92 1.95
N ASP B 64 -5.97 31.28 2.10
CA ASP B 64 -6.35 32.67 2.36
C ASP B 64 -5.91 33.09 3.76
N LYS B 65 -5.98 32.15 4.70
CA LYS B 65 -5.67 32.42 6.10
C LYS B 65 -4.22 32.13 6.45
N TYR B 66 -3.67 31.06 5.89
CA TYR B 66 -2.32 30.60 6.22
C TYR B 66 -1.39 30.53 5.01
N LYS B 67 -0.10 30.75 5.26
CA LYS B 67 0.94 30.47 4.27
C LYS B 67 1.27 28.98 4.39
N ILE B 68 1.04 28.25 3.30
CA ILE B 68 1.19 26.79 3.34
C ILE B 68 2.35 26.30 2.48
N ALA B 69 3.14 25.40 3.08
CA ALA B 69 4.18 24.67 2.35
C ALA B 69 3.92 23.17 2.45
N CYS B 70 4.45 22.44 1.47
CA CYS B 70 4.30 20.99 1.44
C CYS B 70 5.62 20.31 1.19
N ILE B 71 5.75 19.11 1.73
CA ILE B 71 6.80 18.18 1.35
C ILE B 71 6.12 16.96 0.75
N ALA B 72 6.42 16.65 -0.50
CA ALA B 72 5.80 15.50 -1.17
C ALA B 72 6.82 14.38 -1.40
N GLY B 73 6.62 13.27 -0.69
CA GLY B 73 7.55 12.15 -0.75
C GLY B 73 7.01 10.94 -1.49
N ASP B 74 7.70 10.54 -2.56
CA ASP B 74 7.39 9.30 -3.28
C ASP B 74 8.57 8.91 -4.17
N VAL B 75 8.50 7.73 -4.77
CA VAL B 75 9.55 7.27 -5.70
C VAL B 75 9.80 8.35 -6.76
N ILE B 76 8.72 8.77 -7.41
CA ILE B 76 8.75 9.89 -8.34
C ILE B 76 7.90 11.02 -7.74
N ALA B 77 8.56 11.87 -6.96
CA ALA B 77 7.89 12.89 -6.15
C ALA B 77 7.20 13.99 -6.96
N LYS B 78 7.60 14.14 -8.23
CA LYS B 78 7.08 15.22 -9.08
C LYS B 78 5.56 15.17 -9.32
N PHE B 79 4.99 13.97 -9.43
CA PHE B 79 3.56 13.82 -9.68
C PHE B 79 2.74 14.61 -8.66
N ASP B 80 2.97 14.33 -7.38
CA ASP B 80 2.23 14.97 -6.30
C ASP B 80 2.71 16.38 -5.99
N ALA B 81 4.01 16.61 -6.13
CA ALA B 81 4.59 17.95 -5.94
C ALA B 81 3.93 18.96 -6.90
N GLU B 82 3.80 18.60 -8.17
CA GLU B 82 3.14 19.45 -9.16
C GLU B 82 1.64 19.64 -8.89
N ARG B 83 0.98 18.58 -8.43
CA ARG B 83 -0.43 18.64 -8.06
C ARG B 83 -0.67 19.63 -6.92
N MET B 84 0.26 19.66 -5.97
CA MET B 84 0.20 20.58 -4.84
C MET B 84 0.55 22.01 -5.22
N GLU B 85 1.58 22.16 -6.06
CA GLU B 85 2.08 23.47 -6.49
C GLU B 85 1.02 24.38 -7.14
N LYS B 86 0.16 23.78 -7.98
CA LYS B 86 -0.86 24.55 -8.69
C LYS B 86 -1.94 25.15 -7.77
N HIS B 87 -2.05 24.60 -6.56
CA HIS B 87 -3.01 25.10 -5.59
C HIS B 87 -2.49 26.31 -4.81
N GLY B 88 -1.23 26.66 -5.04
CA GLY B 88 -0.62 27.85 -4.45
C GLY B 88 0.27 27.55 -3.26
N ALA B 89 0.83 26.36 -3.22
CA ALA B 89 1.71 25.95 -2.13
C ALA B 89 3.17 25.89 -2.59
N LYS B 90 4.07 26.29 -1.71
CA LYS B 90 5.50 26.03 -1.87
C LYS B 90 5.73 24.56 -1.55
N VAL B 91 6.36 23.84 -2.48
CA VAL B 91 6.49 22.39 -2.33
C VAL B 91 7.93 21.92 -2.55
N VAL B 92 8.40 21.09 -1.62
CA VAL B 92 9.69 20.42 -1.76
C VAL B 92 9.43 18.95 -2.12
N PRO B 93 9.83 18.55 -3.34
CA PRO B 93 9.72 17.14 -3.70
C PRO B 93 10.84 16.31 -3.07
N LEU B 94 10.51 15.13 -2.56
CA LEU B 94 11.50 14.21 -2.02
C LEU B 94 11.37 12.84 -2.67
N ASN B 95 12.29 12.53 -3.57
CA ASN B 95 12.35 11.23 -4.22
C ASN B 95 12.84 10.19 -3.22
N THR B 96 11.99 9.21 -2.91
CA THR B 96 12.24 8.32 -1.78
C THR B 96 12.88 6.98 -2.16
N GLY B 97 13.04 6.75 -3.46
CA GLY B 97 13.67 5.52 -3.97
C GLY B 97 12.93 4.27 -3.52
N LYS B 98 13.65 3.40 -2.83
CA LYS B 98 13.09 2.14 -2.34
C LYS B 98 12.76 2.20 -0.86
N GLU B 99 12.76 3.39 -0.29
CA GLU B 99 12.43 3.53 1.12
C GLU B 99 10.93 3.49 1.36
N CYS B 100 10.56 2.78 2.43
CA CYS B 100 9.20 2.44 2.73
C CYS B 100 8.45 3.64 3.33
N HIS B 101 9.21 4.58 3.88
CA HIS B 101 8.69 5.66 4.69
C HIS B 101 9.61 6.87 4.53
N LEU B 102 9.10 8.06 4.80
CA LEU B 102 9.97 9.21 5.03
C LEU B 102 10.60 9.08 6.40
N ASP B 103 11.72 9.76 6.62
CA ASP B 103 12.29 9.86 7.96
C ASP B 103 12.65 11.31 8.31
N ALA B 104 12.98 11.54 9.58
CA ALA B 104 13.30 12.88 10.08
C ALA B 104 14.56 13.47 9.42
N HIS B 105 15.46 12.60 8.98
CA HIS B 105 16.67 13.01 8.26
C HIS B 105 16.34 13.72 6.94
N LEU B 106 15.63 13.01 6.06
CA LEU B 106 15.21 13.56 4.76
C LEU B 106 14.34 14.80 4.93
N VAL B 107 13.45 14.75 5.92
CA VAL B 107 12.57 15.89 6.22
C VAL B 107 13.38 17.11 6.68
N GLY B 108 14.40 16.87 7.51
CA GLY B 108 15.29 17.93 7.99
C GLY B 108 15.95 18.72 6.87
N HIS B 109 16.48 18.02 5.87
CA HIS B 109 17.05 18.65 4.68
C HIS B 109 16.01 19.42 3.87
N ALA B 110 14.80 18.88 3.80
CA ALA B 110 13.70 19.56 3.11
C ALA B 110 13.36 20.89 3.78
N LEU B 111 13.46 20.93 5.11
CA LEU B 111 13.21 22.14 5.89
C LEU B 111 14.26 23.22 5.63
N GLU B 112 15.46 22.80 5.20
CA GLU B 112 16.55 23.72 4.90
C GLU B 112 16.28 24.44 3.58
N ASP B 113 15.43 23.86 2.74
CA ASP B 113 15.05 24.43 1.46
C ASP B 113 13.75 25.23 1.55
N LEU B 114 13.29 25.45 2.78
CA LEU B 114 12.09 26.22 3.03
C LEU B 114 12.38 27.49 3.82
N ASN B 115 11.70 28.57 3.46
CA ASN B 115 11.73 29.78 4.26
C ASN B 115 10.64 29.72 5.32
N LEU B 116 11.01 29.21 6.50
CA LEU B 116 10.06 28.90 7.55
C LEU B 116 9.44 30.12 8.24
N ASP B 117 9.95 31.30 7.92
CA ASP B 117 9.35 32.55 8.37
C ASP B 117 8.25 33.04 7.44
N GLU B 118 8.18 32.44 6.26
CA GLU B 118 7.12 32.73 5.29
C GLU B 118 6.12 31.58 5.16
N ILE B 119 6.07 30.73 6.20
CA ILE B 119 5.24 29.53 6.21
C ILE B 119 4.58 29.37 7.59
N ASP B 120 3.28 29.09 7.59
CA ASP B 120 2.53 28.87 8.83
C ASP B 120 2.15 27.40 9.02
N LEU B 121 1.83 26.73 7.92
CA LEU B 121 1.41 25.33 7.94
C LEU B 121 2.29 24.50 7.02
N LEU B 122 2.68 23.32 7.50
CA LEU B 122 3.45 22.38 6.69
C LEU B 122 2.73 21.06 6.55
N PHE B 123 2.39 20.69 5.32
CA PHE B 123 1.77 19.41 5.02
C PHE B 123 2.81 18.47 4.41
N ILE B 124 3.10 17.38 5.10
CA ILE B 124 4.05 16.39 4.61
C ILE B 124 3.30 15.15 4.14
N GLU B 125 3.40 14.84 2.85
CA GLU B 125 2.82 13.60 2.35
C GLU B 125 3.85 12.49 2.38
N ASN B 126 3.63 11.55 3.29
CA ASN B 126 4.52 10.41 3.47
C ASN B 126 4.35 9.42 2.33
N VAL B 127 5.28 8.47 2.23
CA VAL B 127 5.19 7.40 1.24
C VAL B 127 3.95 6.54 1.55
N GLY B 128 3.17 6.23 0.51
CA GLY B 128 2.00 5.36 0.65
C GLY B 128 2.41 3.97 1.09
N ASN B 129 2.02 3.61 2.31
CA ASN B 129 2.40 2.35 2.98
C ASN B 129 1.85 2.31 4.41
N LEU B 130 1.33 1.16 4.82
CA LEU B 130 0.73 1.02 6.15
C LEU B 130 1.55 0.28 7.21
N ILE B 131 2.79 -0.07 6.91
CA ILE B 131 3.64 -0.74 7.92
C ILE B 131 4.70 0.20 8.47
N CYS B 132 5.61 0.60 7.59
CA CYS B 132 6.87 1.26 7.93
C CYS B 132 6.83 2.66 8.55
N PRO B 133 5.93 3.55 8.08
CA PRO B 133 5.92 4.90 8.66
C PRO B 133 5.49 4.93 10.13
N ALA B 134 4.89 3.85 10.61
CA ALA B 134 4.72 3.64 12.04
C ALA B 134 6.10 3.28 12.59
N ASP B 135 6.58 4.12 13.51
CA ASP B 135 7.92 4.03 14.12
C ASP B 135 8.86 5.17 13.66
N PHE B 136 8.48 5.89 12.60
CA PHE B 136 9.31 7.00 12.10
C PHE B 136 8.69 8.40 12.19
N ASP B 137 8.84 9.00 13.38
CA ASP B 137 8.46 10.38 13.67
C ASP B 137 9.26 11.33 12.78
N LEU B 138 8.57 12.22 12.07
CA LEU B 138 9.23 13.16 11.16
C LEU B 138 9.56 14.50 11.83
N GLY B 139 9.02 14.69 13.03
CA GLY B 139 9.16 15.95 13.75
C GLY B 139 7.93 16.82 13.59
N THR B 140 6.80 16.18 13.32
CA THR B 140 5.54 16.88 13.10
C THR B 140 4.76 17.02 14.40
N HIS B 141 3.74 17.88 14.37
CA HIS B 141 2.89 18.10 15.53
C HIS B 141 1.73 17.12 15.58
N LYS B 142 1.21 16.77 14.40
CA LYS B 142 0.12 15.81 14.32
C LYS B 142 0.34 14.84 13.17
N ARG B 143 -0.15 13.61 13.37
CA ARG B 143 -0.11 12.57 12.36
C ARG B 143 -1.53 12.19 11.92
N ILE B 144 -1.75 12.19 10.62
CA ILE B 144 -3.03 11.82 10.03
C ILE B 144 -2.84 10.54 9.21
N VAL B 145 -3.67 9.54 9.47
CA VAL B 145 -3.65 8.32 8.67
C VAL B 145 -4.91 8.24 7.81
N VAL B 146 -4.71 8.30 6.50
CA VAL B 146 -5.80 8.20 5.54
C VAL B 146 -5.84 6.80 4.97
N ILE B 147 -6.93 6.08 5.27
CA ILE B 147 -7.23 4.84 4.56
C ILE B 147 -8.50 5.04 3.75
N SER B 148 -8.80 4.12 2.85
CA SER B 148 -10.00 4.24 2.05
C SER B 148 -10.82 2.97 2.07
N THR B 149 -12.13 3.13 1.95
CA THR B 149 -13.05 2.00 1.96
C THR B 149 -12.69 0.96 0.89
N THR B 150 -12.13 1.42 -0.23
CA THR B 150 -11.82 0.52 -1.36
C THR B 150 -10.67 -0.45 -1.08
N GLU B 151 -9.96 -0.23 0.03
CA GLU B 151 -8.93 -1.15 0.49
C GLU B 151 -9.53 -2.37 1.24
N GLY B 152 -10.83 -2.31 1.49
CA GLY B 152 -11.51 -3.35 2.27
C GLY B 152 -11.69 -2.92 3.71
N ASP B 153 -12.77 -3.36 4.35
CA ASP B 153 -13.10 -2.89 5.69
C ASP B 153 -12.32 -3.55 6.83
N ASP B 154 -11.35 -4.40 6.48
CA ASP B 154 -10.44 -4.97 7.47
C ASP B 154 -9.13 -4.18 7.59
N THR B 155 -8.98 -3.16 6.75
CA THR B 155 -7.72 -2.42 6.60
C THR B 155 -7.24 -1.75 7.89
N ILE B 156 -8.18 -1.32 8.73
CA ILE B 156 -7.82 -0.73 10.03
C ILE B 156 -7.38 -1.82 11.02
N GLU B 157 -8.17 -2.88 11.14
CA GLU B 157 -7.84 -3.94 12.11
C GLU B 157 -6.61 -4.76 11.71
N LYS B 158 -6.30 -4.76 10.41
CA LYS B 158 -5.10 -5.46 9.89
C LYS B 158 -3.79 -4.70 10.13
N HIS B 159 -3.88 -3.42 10.46
CA HIS B 159 -2.69 -2.59 10.63
C HIS B 159 -2.74 -1.74 11.89
N PRO B 160 -2.86 -2.38 13.07
CA PRO B 160 -3.07 -1.66 14.33
C PRO B 160 -1.92 -0.73 14.73
N GLY B 161 -0.67 -1.15 14.43
CA GLY B 161 0.52 -0.38 14.77
C GLY B 161 0.48 1.06 14.29
N ILE B 162 0.33 1.24 12.99
CA ILE B 162 0.26 2.58 12.39
C ILE B 162 -0.96 3.37 12.87
N MET B 163 -2.09 2.68 13.03
CA MET B 163 -3.33 3.33 13.49
C MET B 163 -3.17 3.97 14.86
N LYS B 164 -2.41 3.31 15.73
CA LYS B 164 -2.18 3.80 17.09
C LYS B 164 -1.32 5.09 17.13
N THR B 165 -0.56 5.34 16.07
CA THR B 165 0.28 6.53 15.99
C THR B 165 -0.49 7.76 15.47
N ALA B 166 -1.72 7.54 14.99
CA ALA B 166 -2.51 8.60 14.39
C ALA B 166 -3.19 9.50 15.42
N ASP B 167 -3.24 10.79 15.12
CA ASP B 167 -4.05 11.75 15.87
C ASP B 167 -5.42 11.92 15.23
N LEU B 168 -5.44 11.77 13.91
CA LEU B 168 -6.68 11.74 13.13
C LEU B 168 -6.65 10.50 12.24
N ILE B 169 -7.73 9.73 12.28
CA ILE B 169 -7.90 8.62 11.33
C ILE B 169 -9.01 9.00 10.36
N VAL B 170 -8.65 9.09 9.08
CA VAL B 170 -9.60 9.44 8.03
C VAL B 170 -10.01 8.17 7.26
N ILE B 171 -11.30 7.89 7.25
CA ILE B 171 -11.85 6.79 6.45
C ILE B 171 -12.45 7.43 5.20
N ASN B 172 -11.65 7.39 4.13
CA ASN B 172 -11.93 8.11 2.89
C ASN B 172 -12.68 7.23 1.89
N LYS B 173 -13.22 7.89 0.85
CA LYS B 173 -13.99 7.24 -0.23
C LYS B 173 -15.26 6.55 0.26
N ILE B 174 -15.94 7.15 1.24
CA ILE B 174 -17.21 6.58 1.72
C ILE B 174 -18.24 6.41 0.59
N ASP B 175 -18.10 7.21 -0.47
CA ASP B 175 -18.97 7.15 -1.65
C ASP B 175 -18.81 5.85 -2.47
N LEU B 176 -17.74 5.10 -2.23
CA LEU B 176 -17.49 3.83 -2.91
C LEU B 176 -17.65 2.60 -2.02
N ALA B 177 -18.03 2.80 -0.76
CA ALA B 177 -18.15 1.72 0.23
C ALA B 177 -19.06 0.57 -0.20
N ASP B 178 -20.26 0.90 -0.68
CA ASP B 178 -21.22 -0.14 -1.12
C ASP B 178 -20.69 -0.95 -2.31
N ALA B 179 -20.00 -0.28 -3.23
CA ALA B 179 -19.45 -0.91 -4.43
C ALA B 179 -18.38 -1.97 -4.13
N VAL B 180 -17.63 -1.79 -3.03
CA VAL B 180 -16.63 -2.78 -2.60
C VAL B 180 -17.14 -3.70 -1.48
N GLY B 181 -18.34 -3.42 -0.99
CA GLY B 181 -18.93 -4.20 0.09
C GLY B 181 -18.37 -3.87 1.47
N ALA B 182 -17.67 -2.73 1.58
CA ALA B 182 -17.10 -2.27 2.85
C ALA B 182 -18.16 -1.78 3.84
N ASP B 183 -18.05 -2.21 5.09
CA ASP B 183 -18.89 -1.75 6.18
C ASP B 183 -18.18 -0.58 6.87
N ILE B 184 -18.69 0.64 6.66
CA ILE B 184 -18.05 1.84 7.21
C ILE B 184 -18.23 2.00 8.73
N LYS B 185 -19.29 1.41 9.28
CA LYS B 185 -19.50 1.44 10.73
C LYS B 185 -18.50 0.49 11.40
N LYS B 186 -18.23 -0.65 10.76
CA LYS B 186 -17.19 -1.55 11.23
C LYS B 186 -15.85 -0.82 11.27
N MET B 187 -15.52 -0.14 10.17
CA MET B 187 -14.25 0.59 10.08
C MET B 187 -14.14 1.68 11.14
N GLU B 188 -15.23 2.42 11.34
CA GLU B 188 -15.27 3.46 12.36
C GLU B 188 -15.06 2.86 13.77
N ASN B 189 -15.77 1.78 14.07
CA ASN B 189 -15.62 1.07 15.35
C ASN B 189 -14.23 0.47 15.54
N ASP B 190 -13.67 -0.10 14.49
CA ASP B 190 -12.30 -0.65 14.53
C ASP B 190 -11.29 0.43 14.89
N ALA B 191 -11.39 1.59 14.24
CA ALA B 191 -10.47 2.70 14.47
C ALA B 191 -10.54 3.21 15.91
N LYS B 192 -11.77 3.34 16.41
CA LYS B 192 -12.02 3.83 17.78
C LYS B 192 -11.57 2.83 18.85
N ARG B 193 -11.71 1.54 18.55
CA ARG B 193 -11.27 0.49 19.47
C ARG B 193 -9.74 0.45 19.58
N ILE B 194 -9.07 0.53 18.43
CA ILE B 194 -7.62 0.40 18.35
C ILE B 194 -6.92 1.67 18.84
N ASN B 195 -7.54 2.82 18.57
CA ASN B 195 -7.02 4.12 18.98
C ASN B 195 -8.14 5.02 19.53
N PRO B 196 -8.46 4.88 20.83
CA PRO B 196 -9.52 5.65 21.50
C PRO B 196 -9.23 7.15 21.58
N ASP B 197 -7.97 7.53 21.45
CA ASP B 197 -7.56 8.93 21.60
C ASP B 197 -7.65 9.72 20.30
N ALA B 198 -7.68 9.03 19.18
CA ALA B 198 -7.67 9.68 17.87
C ALA B 198 -9.05 10.20 17.48
N GLU B 199 -9.06 11.28 16.70
CA GLU B 199 -10.29 11.71 16.03
C GLU B 199 -10.50 10.80 14.83
N VAL B 200 -11.76 10.47 14.55
CA VAL B 200 -12.07 9.59 13.43
C VAL B 200 -13.13 10.26 12.57
N VAL B 201 -12.83 10.40 11.27
CA VAL B 201 -13.71 11.12 10.35
C VAL B 201 -14.03 10.26 9.13
N LEU B 202 -15.32 10.15 8.82
CA LEU B 202 -15.77 9.50 7.60
C LEU B 202 -15.81 10.55 6.50
N LEU B 203 -15.14 10.25 5.39
CA LEU B 203 -14.89 11.25 4.36
C LEU B 203 -15.12 10.73 2.94
N SER B 204 -15.64 11.61 2.09
CA SER B 204 -15.52 11.48 0.64
C SER B 204 -14.97 12.79 0.11
N LEU B 205 -13.84 12.73 -0.58
CA LEU B 205 -13.26 13.91 -1.19
C LEU B 205 -13.93 14.22 -2.52
N LYS B 206 -14.79 13.32 -2.97
CA LYS B 206 -15.62 13.55 -4.14
C LYS B 206 -16.85 14.39 -3.77
N THR B 207 -17.65 13.92 -2.81
CA THR B 207 -18.85 14.65 -2.40
C THR B 207 -18.53 15.78 -1.43
N MET B 208 -17.37 15.68 -0.79
CA MET B 208 -16.92 16.58 0.28
C MET B 208 -17.56 16.34 1.65
N GLU B 209 -18.41 15.31 1.76
CA GLU B 209 -18.97 14.91 3.06
C GLU B 209 -17.83 14.55 4.01
N GLY B 210 -17.86 15.13 5.21
CA GLY B 210 -16.83 14.92 6.21
C GLY B 210 -15.59 15.81 6.09
N PHE B 211 -15.48 16.56 5.00
CA PHE B 211 -14.32 17.44 4.81
C PHE B 211 -14.24 18.54 5.87
N ASP B 212 -15.39 19.08 6.25
CA ASP B 212 -15.44 20.13 7.26
C ASP B 212 -14.83 19.69 8.59
N LYS B 213 -15.03 18.41 8.93
CA LYS B 213 -14.48 17.83 10.15
C LYS B 213 -12.95 17.68 10.10
N VAL B 214 -12.41 17.32 8.93
CA VAL B 214 -10.96 17.26 8.74
C VAL B 214 -10.36 18.66 8.84
N LEU B 215 -11.00 19.62 8.16
CA LEU B 215 -10.59 21.03 8.20
C LEU B 215 -10.55 21.55 9.64
N GLU B 216 -11.57 21.19 10.42
CA GLU B 216 -11.67 21.58 11.83
C GLU B 216 -10.53 21.01 12.67
N PHE B 217 -10.16 19.76 12.40
CA PHE B 217 -9.04 19.12 13.09
C PHE B 217 -7.73 19.88 12.82
N ILE B 218 -7.51 20.26 11.56
CA ILE B 218 -6.34 21.03 11.17
C ILE B 218 -6.31 22.37 11.90
N GLU B 219 -7.41 23.13 11.80
CA GLU B 219 -7.50 24.46 12.41
C GLU B 219 -7.32 24.46 13.93
N LYS B 220 -7.94 23.49 14.61
CA LYS B 220 -7.80 23.34 16.05
C LYS B 220 -6.37 22.93 16.45
N SER B 221 -5.78 22.00 15.71
CA SER B 221 -4.42 21.54 15.97
C SER B 221 -3.43 22.71 15.92
N VAL B 222 -3.62 23.61 14.96
CA VAL B 222 -2.80 24.81 14.82
C VAL B 222 -2.93 25.72 16.05
N LYS B 223 -4.17 25.96 16.48
CA LYS B 223 -4.41 26.84 17.63
C LYS B 223 -3.99 26.24 18.96
N GLU B 224 -3.83 24.91 19.00
CA GLU B 224 -3.46 24.22 20.23
C GLU B 224 -1.95 24.11 20.50
N VAL B 225 -1.11 24.48 19.53
CA VAL B 225 0.35 24.34 19.68
C VAL B 225 0.96 25.32 20.69
MG MG C . -5.51 -10.16 1.27
ZN ZN D . 15.97 -20.68 8.59
PG GSP E . -4.86 -7.06 1.74
O3B GSP E . -5.96 -6.82 0.60
S1G GSP E . -3.46 -6.12 1.41
O2G GSP E . -5.51 -6.63 3.07
O3G GSP E . -4.52 -8.57 1.80
PB GSP E . -6.15 -7.74 -0.72
O1B GSP E . -5.28 -7.21 -1.79
O2B GSP E . -5.95 -9.17 -0.46
PA GSP E . -9.04 -8.13 -0.87
O1A GSP E . -9.13 -9.39 -1.65
O2A GSP E . -9.24 -8.36 0.58
O3A GSP E . -7.66 -7.35 -1.16
O5' GSP E . -10.08 -7.07 -1.49
C5' GSP E . -10.18 -5.77 -0.97
C4' GSP E . -11.59 -5.23 -1.18
O4' GSP E . -11.83 -4.97 -2.55
C3' GSP E . -12.67 -6.20 -0.74
O3' GSP E . -13.68 -5.41 -0.14
C2' GSP E . -13.18 -6.81 -2.03
O2' GSP E . -14.53 -7.16 -1.95
C1' GSP E . -12.97 -5.67 -3.01
N9 GSP E . -12.70 -6.05 -4.41
C8 GSP E . -11.68 -6.83 -4.89
N7 GSP E . -11.79 -6.86 -6.25
C5 GSP E . -12.83 -6.08 -6.61
C6 GSP E . -13.36 -5.76 -7.86
O6 GSP E . -12.87 -6.21 -8.89
N1 GSP E . -14.47 -4.92 -7.92
C2 GSP E . -15.02 -4.41 -6.75
N2 GSP E . -16.08 -3.61 -6.82
N3 GSP E . -14.48 -4.73 -5.53
C4 GSP E . -13.40 -5.55 -5.47
MG MG F . -0.22 11.23 -3.35
ZN ZN G . 21.94 14.07 5.59
PG GSP H . -0.29 8.00 -3.62
O3B GSP H . -1.89 8.23 -3.63
S1G GSP H . 0.18 6.84 -2.43
O2G GSP H . 0.06 7.53 -5.03
O3G GSP H . 0.40 9.34 -3.33
PB GSP H . -2.69 9.27 -2.70
O1B GSP H . -2.92 8.63 -1.38
O2B GSP H . -2.06 10.60 -2.62
PA GSP H . -4.64 10.39 -4.52
O1A GSP H . -4.95 11.69 -3.90
O2A GSP H . -3.71 10.51 -5.66
O3A GSP H . -4.14 9.32 -3.42
O5' GSP H . -6.02 9.69 -4.95
C5' GSP H . -6.03 8.45 -5.64
C4' GSP H . -7.31 8.36 -6.47
O4' GSP H . -8.43 8.25 -5.60
C3' GSP H . -7.54 9.59 -7.32
O3' GSP H . -8.00 9.16 -8.57
C2' GSP H . -8.61 10.37 -6.60
O2' GSP H . -9.42 11.10 -7.50
C1' GSP H . -9.39 9.26 -5.91
N9 GSP H . -10.08 9.65 -4.67
C8 GSP H . -9.55 10.19 -3.52
N7 GSP H . -10.55 10.35 -2.63
C5 GSP H . -11.71 9.93 -3.18
C6 GSP H . -13.03 9.87 -2.73
O6 GSP H . -13.32 10.25 -1.60
N1 GSP H . -14.01 9.36 -3.55
C2 GSP H . -13.70 8.91 -4.83
N2 GSP H . -14.64 8.44 -5.62
N3 GSP H . -12.38 8.98 -5.27
C4 GSP H . -11.42 9.48 -4.46
#